data_7P3P
#
_entry.id   7P3P
#
_entity_poly.entity_id   1
_entity_poly.type   'polypeptide(L)'
_entity_poly.pdbx_seq_one_letter_code
;PMAQVHQGLMPTAPPEDPAVDLLKNYMQLGKQQREKQRESREKPYKEVTEDLLHLNSLFGGDQ
;
_entity_poly.pdbx_strand_id   A
#
# COMPACT_ATOMS: atom_id res chain seq x y z
N PRO A 1 -16.13 24.56 40.50
CA PRO A 1 -15.95 24.06 39.11
C PRO A 1 -17.01 23.01 38.78
N MET A 2 -16.80 22.27 37.69
CA MET A 2 -17.67 21.16 37.29
C MET A 2 -19.01 21.62 36.75
N ALA A 3 -19.83 22.23 37.60
CA ALA A 3 -21.19 22.58 37.25
C ALA A 3 -21.26 23.89 36.49
N GLN A 4 -20.71 24.95 37.08
CA GLN A 4 -20.78 26.26 36.48
C GLN A 4 -19.56 26.54 35.61
N VAL A 5 -18.65 25.58 35.56
CA VAL A 5 -17.43 25.70 34.77
C VAL A 5 -17.29 24.50 33.85
N HIS A 6 -16.87 24.75 32.61
CA HIS A 6 -16.61 23.68 31.62
C HIS A 6 -17.91 23.10 31.06
N GLN A 7 -18.85 22.80 31.95
CA GLN A 7 -20.14 22.26 31.54
C GLN A 7 -20.89 23.30 30.69
N GLY A 8 -21.47 22.85 29.59
CA GLY A 8 -22.19 23.75 28.71
C GLY A 8 -21.33 24.23 27.56
N LEU A 9 -20.06 23.89 27.62
CA LEU A 9 -19.12 24.24 26.55
C LEU A 9 -18.80 23.01 25.71
N MET A 10 -18.87 23.18 24.40
CA MET A 10 -18.60 22.08 23.47
C MET A 10 -17.14 21.64 23.57
N PRO A 11 -16.89 20.33 23.46
CA PRO A 11 -15.53 19.77 23.49
C PRO A 11 -14.69 20.25 22.31
N THR A 12 -13.57 20.89 22.61
CA THR A 12 -12.68 21.40 21.58
C THR A 12 -11.69 20.33 21.14
N ALA A 13 -11.73 19.20 21.84
CA ALA A 13 -10.91 18.05 21.49
C ALA A 13 -11.73 17.03 20.72
N PRO A 14 -11.57 16.98 19.39
CA PRO A 14 -12.38 16.12 18.52
C PRO A 14 -12.02 14.63 18.67
N PRO A 15 -12.95 13.83 19.21
CA PRO A 15 -12.75 12.39 19.39
C PRO A 15 -12.90 11.63 18.07
N GLU A 16 -13.33 12.34 17.05
CA GLU A 16 -13.53 11.76 15.74
C GLU A 16 -12.35 12.08 14.83
N ASP A 17 -11.28 12.59 15.42
CA ASP A 17 -10.07 12.98 14.69
C ASP A 17 -9.69 11.94 13.64
N PRO A 18 -9.73 12.32 12.35
CA PRO A 18 -9.42 11.41 11.24
C PRO A 18 -7.91 11.24 11.02
N ALA A 19 -7.12 12.05 11.71
CA ALA A 19 -5.67 12.03 11.52
C ALA A 19 -5.04 10.76 12.08
N VAL A 20 -5.66 10.18 13.10
CA VAL A 20 -5.19 8.93 13.66
C VAL A 20 -5.31 7.79 12.64
N ASP A 21 -6.43 7.74 11.96
CA ASP A 21 -6.66 6.72 10.92
C ASP A 21 -5.82 7.04 9.70
N LEU A 22 -5.57 8.33 9.49
CA LEU A 22 -4.78 8.80 8.36
C LEU A 22 -3.36 8.24 8.40
N LEU A 23 -2.92 7.85 9.59
CA LEU A 23 -1.61 7.22 9.76
C LEU A 23 -1.53 5.92 8.96
N LYS A 24 -2.55 5.08 9.11
CA LYS A 24 -2.59 3.80 8.40
C LYS A 24 -3.06 4.00 6.97
N ASN A 25 -3.82 5.06 6.74
CA ASN A 25 -4.22 5.41 5.39
C ASN A 25 -3.00 5.79 4.57
N TYR A 26 -2.12 6.57 5.19
CA TYR A 26 -0.90 7.02 4.54
C TYR A 26 0.06 5.85 4.37
N MET A 27 0.13 4.98 5.36
CA MET A 27 0.93 3.77 5.27
C MET A 27 0.38 2.87 4.16
N GLN A 28 -0.95 2.82 4.08
CA GLN A 28 -1.64 2.06 3.05
C GLN A 28 -1.25 2.55 1.65
N LEU A 29 -1.50 3.83 1.38
CA LEU A 29 -1.21 4.39 0.06
C LEU A 29 0.28 4.48 -0.18
N GLY A 30 1.07 4.42 0.88
CA GLY A 30 2.51 4.35 0.72
C GLY A 30 2.91 3.10 -0.04
N LYS A 31 2.31 1.98 0.34
CA LYS A 31 2.56 0.71 -0.33
C LYS A 31 1.72 0.63 -1.60
N GLN A 32 0.48 1.08 -1.51
CA GLN A 32 -0.44 1.04 -2.66
C GLN A 32 0.20 1.77 -3.84
N GLN A 33 0.69 2.99 -3.59
CA GLN A 33 1.40 3.75 -4.60
C GLN A 33 2.56 2.94 -5.17
N ARG A 34 3.34 2.35 -4.29
CA ARG A 34 4.51 1.57 -4.68
C ARG A 34 4.09 0.40 -5.57
N GLU A 35 3.11 -0.34 -5.10
CA GLU A 35 2.66 -1.54 -5.78
C GLU A 35 1.82 -1.21 -7.02
N LYS A 36 1.53 0.06 -7.23
CA LYS A 36 0.70 0.46 -8.36
C LYS A 36 1.52 1.21 -9.41
N GLN A 37 2.67 1.74 -9.03
CA GLN A 37 3.48 2.50 -9.96
C GLN A 37 4.24 1.58 -10.92
N ARG A 38 5.25 0.89 -10.42
CA ARG A 38 6.06 0.00 -11.25
C ARG A 38 5.67 -1.47 -11.05
N GLU A 39 5.08 -1.78 -9.91
CA GLU A 39 4.73 -3.17 -9.59
C GLU A 39 3.67 -3.71 -10.53
N SER A 40 2.80 -2.84 -11.00
CA SER A 40 1.72 -3.23 -11.90
C SER A 40 2.23 -3.50 -13.31
N ARG A 41 3.06 -2.60 -13.81
CA ARG A 41 3.57 -2.67 -15.17
C ARG A 41 4.80 -3.57 -15.25
N GLU A 42 5.77 -3.29 -14.41
CA GLU A 42 7.04 -4.01 -14.43
C GLU A 42 6.91 -5.34 -13.72
N LYS A 43 6.57 -5.26 -12.46
CA LYS A 43 6.43 -6.43 -11.60
C LYS A 43 7.73 -7.25 -11.60
N PRO A 44 8.70 -6.82 -10.78
CA PRO A 44 10.06 -7.38 -10.78
C PRO A 44 10.15 -8.78 -10.18
N TYR A 45 9.04 -9.30 -9.66
CA TYR A 45 9.05 -10.62 -9.05
C TYR A 45 8.46 -11.67 -9.98
N LYS A 46 7.20 -11.49 -10.35
CA LYS A 46 6.47 -12.51 -11.09
C LYS A 46 6.79 -12.48 -12.58
N GLU A 47 6.94 -11.29 -13.15
CA GLU A 47 7.22 -11.16 -14.57
C GLU A 47 8.62 -11.65 -14.90
N VAL A 48 9.54 -11.51 -13.96
CA VAL A 48 10.91 -11.97 -14.13
C VAL A 48 10.95 -13.49 -14.20
N THR A 49 10.30 -14.15 -13.25
CA THR A 49 10.29 -15.60 -13.19
C THR A 49 9.49 -16.18 -14.36
N GLU A 50 8.36 -15.55 -14.68
CA GLU A 50 7.52 -16.00 -15.79
C GLU A 50 8.29 -15.91 -17.10
N ASP A 51 8.93 -14.75 -17.32
CA ASP A 51 9.70 -14.53 -18.54
C ASP A 51 10.91 -15.45 -18.62
N LEU A 52 11.34 -15.96 -17.47
CA LEU A 52 12.47 -16.86 -17.42
C LEU A 52 12.09 -18.20 -18.04
N LEU A 53 10.83 -18.60 -17.82
CA LEU A 53 10.29 -19.80 -18.46
C LEU A 53 10.24 -19.61 -19.96
N HIS A 54 9.87 -18.41 -20.39
CA HIS A 54 9.86 -18.07 -21.81
C HIS A 54 11.28 -18.10 -22.35
N LEU A 55 12.21 -17.55 -21.58
CA LEU A 55 13.62 -17.48 -21.96
C LEU A 55 14.20 -18.89 -22.14
N ASN A 56 13.75 -19.82 -21.32
CA ASN A 56 14.20 -21.21 -21.43
C ASN A 56 13.82 -21.80 -22.78
N SER A 57 12.60 -21.52 -23.22
CA SER A 57 12.13 -21.99 -24.51
C SER A 57 12.66 -21.09 -25.62
N LEU A 58 13.20 -19.94 -25.23
CA LEU A 58 13.66 -18.94 -26.18
C LEU A 58 15.00 -19.35 -26.80
N PHE A 59 15.93 -19.84 -26.00
CA PHE A 59 17.23 -20.23 -26.54
C PHE A 59 17.15 -21.59 -27.24
N GLY A 60 15.98 -22.22 -27.13
CA GLY A 60 15.68 -23.42 -27.89
C GLY A 60 16.61 -24.58 -27.59
N GLY A 61 16.93 -24.77 -26.32
CA GLY A 61 17.79 -25.87 -25.94
C GLY A 61 17.09 -27.21 -26.03
N ASP A 62 17.47 -28.00 -27.02
CA ASP A 62 16.86 -29.31 -27.22
C ASP A 62 17.92 -30.36 -27.51
N GLN A 63 18.82 -30.02 -28.44
CA GLN A 63 19.91 -30.90 -28.82
C GLN A 63 20.78 -30.17 -29.84
N PRO A 1 -25.63 28.48 41.79
CA PRO A 1 -24.46 27.59 41.94
C PRO A 1 -23.42 27.87 40.86
N MET A 2 -22.72 29.01 40.99
CA MET A 2 -21.71 29.40 40.02
C MET A 2 -20.42 28.62 40.25
N ALA A 3 -20.27 28.08 41.44
CA ALA A 3 -19.06 27.33 41.80
C ALA A 3 -19.22 25.85 41.48
N GLN A 4 -20.39 25.47 40.96
CA GLN A 4 -20.69 24.07 40.71
C GLN A 4 -19.79 23.49 39.61
N VAL A 5 -19.95 23.99 38.38
CA VAL A 5 -19.19 23.47 37.27
C VAL A 5 -19.04 24.49 36.13
N HIS A 6 -17.80 24.79 35.81
CA HIS A 6 -17.47 25.60 34.64
C HIS A 6 -16.06 25.29 34.15
N GLN A 7 -15.27 24.68 35.03
CA GLN A 7 -13.92 24.26 34.70
C GLN A 7 -13.57 23.02 35.53
N GLY A 8 -12.73 22.15 34.98
CA GLY A 8 -12.36 20.96 35.71
C GLY A 8 -13.03 19.72 35.15
N LEU A 9 -13.34 19.75 33.86
CA LEU A 9 -13.99 18.62 33.21
C LEU A 9 -13.06 18.00 32.16
N MET A 10 -13.43 16.83 31.67
CA MET A 10 -12.63 16.14 30.67
C MET A 10 -13.20 16.41 29.29
N PRO A 11 -12.36 16.86 28.34
CA PRO A 11 -12.78 17.11 26.96
C PRO A 11 -13.28 15.82 26.30
N THR A 12 -14.43 15.91 25.64
CA THR A 12 -15.03 14.74 25.01
C THR A 12 -14.44 14.50 23.61
N ALA A 13 -13.16 14.85 23.46
CA ALA A 13 -12.44 14.64 22.21
C ALA A 13 -12.40 13.16 21.86
N PRO A 14 -12.96 12.78 20.71
CA PRO A 14 -13.04 11.38 20.30
C PRO A 14 -11.70 10.82 19.83
N PRO A 15 -11.39 9.57 20.20
CA PRO A 15 -10.18 8.88 19.75
C PRO A 15 -10.25 8.52 18.27
N GLU A 16 -11.37 8.89 17.66
CA GLU A 16 -11.60 8.65 16.23
C GLU A 16 -11.06 9.82 15.41
N ASP A 17 -10.27 10.67 16.05
CA ASP A 17 -9.65 11.82 15.40
C ASP A 17 -9.00 11.41 14.08
N PRO A 18 -9.22 12.21 13.02
CA PRO A 18 -8.82 11.88 11.64
C PRO A 18 -7.31 11.62 11.47
N ALA A 19 -6.51 12.10 12.41
CA ALA A 19 -5.06 11.89 12.32
C ALA A 19 -4.72 10.42 12.50
N VAL A 20 -5.52 9.73 13.30
CA VAL A 20 -5.28 8.33 13.59
C VAL A 20 -5.40 7.47 12.34
N ASP A 21 -6.52 7.61 11.64
CA ASP A 21 -6.77 6.82 10.43
C ASP A 21 -5.93 7.34 9.27
N LEU A 22 -5.56 8.61 9.32
CA LEU A 22 -4.74 9.21 8.27
C LEU A 22 -3.41 8.48 8.15
N LEU A 23 -2.85 8.09 9.28
CA LEU A 23 -1.58 7.38 9.33
C LEU A 23 -1.68 6.07 8.53
N LYS A 24 -2.66 5.26 8.88
CA LYS A 24 -2.82 3.95 8.27
C LYS A 24 -3.35 4.07 6.84
N ASN A 25 -4.11 5.12 6.58
CA ASN A 25 -4.63 5.36 5.24
C ASN A 25 -3.50 5.48 4.24
N TYR A 26 -2.57 6.39 4.51
CA TYR A 26 -1.44 6.62 3.61
C TYR A 26 -0.35 5.59 3.82
N MET A 27 -0.48 4.78 4.85
CA MET A 27 0.41 3.65 5.03
C MET A 27 -0.06 2.49 4.16
N GLN A 28 -1.37 2.26 4.16
CA GLN A 28 -1.95 1.18 3.38
C GLN A 28 -1.98 1.50 1.88
N LEU A 29 -2.84 2.42 1.47
CA LEU A 29 -2.97 2.73 0.04
C LEU A 29 -1.92 3.74 -0.40
N GLY A 30 -1.23 4.33 0.56
CA GLY A 30 -0.16 5.24 0.22
C GLY A 30 1.03 4.50 -0.34
N LYS A 31 1.38 3.39 0.31
CA LYS A 31 2.52 2.60 -0.11
C LYS A 31 2.12 1.60 -1.21
N GLN A 32 0.94 1.00 -1.07
CA GLN A 32 0.48 0.01 -2.04
C GLN A 32 0.25 0.66 -3.41
N GLN A 33 -0.44 1.78 -3.44
CA GLN A 33 -0.68 2.48 -4.69
C GLN A 33 0.62 3.05 -5.27
N ARG A 34 1.59 3.28 -4.39
CA ARG A 34 2.91 3.73 -4.83
C ARG A 34 3.59 2.63 -5.62
N GLU A 35 3.48 1.41 -5.12
CA GLU A 35 4.01 0.24 -5.80
C GLU A 35 3.27 -0.02 -7.10
N LYS A 36 2.05 0.48 -7.18
CA LYS A 36 1.20 0.28 -8.35
C LYS A 36 1.75 1.05 -9.54
N GLN A 37 2.59 2.04 -9.26
CA GLN A 37 3.28 2.76 -10.32
C GLN A 37 4.26 1.83 -11.01
N ARG A 38 4.84 0.92 -10.23
CA ARG A 38 5.84 0.00 -10.75
C ARG A 38 5.19 -1.31 -11.18
N GLU A 39 3.86 -1.31 -11.25
CA GLU A 39 3.11 -2.46 -11.75
C GLU A 39 3.50 -2.74 -13.20
N SER A 40 3.87 -1.67 -13.90
CA SER A 40 4.33 -1.78 -15.27
C SER A 40 5.77 -2.28 -15.34
N ARG A 41 6.55 -1.93 -14.32
CA ARG A 41 7.96 -2.31 -14.26
C ARG A 41 8.11 -3.77 -13.83
N GLU A 42 7.32 -4.16 -12.85
CA GLU A 42 7.26 -5.55 -12.40
C GLU A 42 6.39 -6.38 -13.34
N LYS A 43 6.54 -6.10 -14.64
CA LYS A 43 5.76 -6.73 -15.67
C LYS A 43 6.59 -6.88 -16.96
N PRO A 44 7.81 -7.44 -16.89
CA PRO A 44 8.70 -7.55 -18.04
C PRO A 44 8.33 -8.70 -18.96
N TYR A 45 8.09 -9.87 -18.37
CA TYR A 45 7.86 -11.08 -19.15
C TYR A 45 6.49 -11.05 -19.84
N LYS A 46 5.56 -10.34 -19.23
CA LYS A 46 4.24 -10.16 -19.82
C LYS A 46 4.33 -9.29 -21.06
N GLU A 47 5.34 -8.42 -21.11
CA GLU A 47 5.57 -7.57 -22.27
C GLU A 47 6.23 -8.37 -23.39
N VAL A 48 7.07 -9.33 -23.01
CA VAL A 48 7.72 -10.21 -23.97
C VAL A 48 6.68 -11.00 -24.75
N THR A 49 5.80 -11.68 -24.02
CA THR A 49 4.75 -12.47 -24.64
C THR A 49 3.74 -11.56 -25.37
N GLU A 50 3.60 -10.33 -24.88
CA GLU A 50 2.69 -9.37 -25.46
C GLU A 50 3.06 -9.05 -26.90
N ASP A 51 4.29 -8.55 -27.11
CA ASP A 51 4.69 -8.05 -28.42
C ASP A 51 4.77 -9.16 -29.45
N LEU A 52 5.15 -10.38 -29.03
CA LEU A 52 5.27 -11.48 -29.97
C LEU A 52 3.89 -11.96 -30.41
N LEU A 53 2.93 -11.95 -29.49
CA LEU A 53 1.58 -12.38 -29.80
C LEU A 53 0.85 -11.29 -30.57
N HIS A 54 1.07 -10.05 -30.17
CA HIS A 54 0.43 -8.90 -30.82
C HIS A 54 0.82 -8.83 -32.30
N LEU A 55 2.08 -9.15 -32.58
CA LEU A 55 2.55 -9.17 -33.96
C LEU A 55 2.08 -10.45 -34.65
N ASN A 56 2.06 -11.54 -33.89
CA ASN A 56 1.66 -12.85 -34.41
C ASN A 56 0.23 -12.80 -34.95
N SER A 57 -0.67 -12.23 -34.16
CA SER A 57 -2.08 -12.14 -34.53
C SER A 57 -2.31 -11.12 -35.64
N LEU A 58 -1.28 -10.30 -35.91
CA LEU A 58 -1.38 -9.26 -36.91
C LEU A 58 -1.25 -9.83 -38.31
N PHE A 59 -0.28 -10.73 -38.51
CA PHE A 59 -0.12 -11.36 -39.81
C PHE A 59 -0.82 -12.72 -39.87
N GLY A 60 -0.93 -13.40 -38.74
CA GLY A 60 -1.67 -14.65 -38.68
C GLY A 60 -0.84 -15.85 -39.12
N GLY A 61 0.10 -15.65 -40.03
CA GLY A 61 0.91 -16.74 -40.52
C GLY A 61 2.28 -16.77 -39.88
N ASP A 62 2.51 -17.76 -39.04
CA ASP A 62 3.79 -17.91 -38.34
C ASP A 62 4.29 -19.34 -38.44
N GLN A 63 5.48 -19.51 -38.96
CA GLN A 63 6.11 -20.82 -39.08
C GLN A 63 7.61 -20.69 -38.94
N PRO A 1 -23.15 20.94 37.63
CA PRO A 1 -23.48 19.54 37.94
C PRO A 1 -22.50 18.59 37.29
N MET A 2 -22.48 18.56 35.96
CA MET A 2 -21.61 17.65 35.22
C MET A 2 -20.24 18.28 35.00
N ALA A 3 -19.55 18.57 36.10
CA ALA A 3 -18.26 19.25 36.05
C ALA A 3 -17.09 18.27 36.01
N GLN A 4 -17.29 17.06 36.51
CA GLN A 4 -16.22 16.07 36.56
C GLN A 4 -15.79 15.69 35.16
N VAL A 5 -16.77 15.42 34.31
CA VAL A 5 -16.51 15.12 32.92
C VAL A 5 -17.60 15.74 32.06
N HIS A 6 -17.21 16.59 31.13
CA HIS A 6 -18.20 17.29 30.30
C HIS A 6 -17.96 16.96 28.84
N GLN A 7 -17.04 16.02 28.59
CA GLN A 7 -16.72 15.57 27.24
C GLN A 7 -16.28 16.74 26.35
N GLY A 8 -17.13 17.12 25.41
CA GLY A 8 -16.80 18.19 24.48
C GLY A 8 -15.86 17.73 23.38
N LEU A 9 -14.99 16.79 23.70
CA LEU A 9 -14.08 16.21 22.73
C LEU A 9 -14.42 14.75 22.51
N MET A 10 -15.14 14.46 21.45
CA MET A 10 -15.52 13.10 21.14
C MET A 10 -14.44 12.42 20.33
N PRO A 11 -14.00 11.23 20.76
CA PRO A 11 -12.94 10.48 20.08
C PRO A 11 -13.33 10.08 18.66
N THR A 12 -12.58 10.58 17.69
CA THR A 12 -12.77 10.20 16.30
C THR A 12 -11.78 9.09 15.95
N ALA A 13 -10.85 8.90 16.87
CA ALA A 13 -9.78 7.93 16.75
C ALA A 13 -9.24 7.66 18.16
N PRO A 14 -8.15 6.90 18.36
CA PRO A 14 -7.55 6.76 19.70
C PRO A 14 -7.36 8.12 20.38
N PRO A 15 -7.91 8.28 21.59
CA PRO A 15 -7.97 9.58 22.29
C PRO A 15 -6.61 10.27 22.46
N GLU A 16 -5.54 9.50 22.57
CA GLU A 16 -4.22 10.08 22.77
C GLU A 16 -3.47 10.17 21.45
N ASP A 17 -3.53 9.12 20.65
CA ASP A 17 -2.93 9.14 19.32
C ASP A 17 -3.99 9.04 18.24
N PRO A 18 -4.55 10.17 17.79
CA PRO A 18 -5.59 10.19 16.76
C PRO A 18 -5.01 9.92 15.38
N ALA A 19 -3.70 10.04 15.26
CA ALA A 19 -3.02 9.93 13.97
C ALA A 19 -2.92 8.48 13.50
N VAL A 20 -3.22 7.53 14.39
CA VAL A 20 -3.10 6.12 14.06
C VAL A 20 -3.92 5.75 12.82
N ASP A 21 -5.19 6.09 12.83
CA ASP A 21 -6.08 5.77 11.71
C ASP A 21 -5.71 6.57 10.47
N LEU A 22 -5.30 7.81 10.66
CA LEU A 22 -4.93 8.68 9.55
C LEU A 22 -3.63 8.21 8.91
N LEU A 23 -2.71 7.74 9.76
CA LEU A 23 -1.43 7.21 9.28
C LEU A 23 -1.66 6.03 8.36
N LYS A 24 -2.34 5.01 8.88
CA LYS A 24 -2.56 3.78 8.12
C LYS A 24 -3.38 4.07 6.86
N ASN A 25 -4.34 4.98 6.96
CA ASN A 25 -5.19 5.35 5.84
C ASN A 25 -4.33 5.77 4.64
N TYR A 26 -3.45 6.74 4.85
CA TYR A 26 -2.63 7.27 3.77
C TYR A 26 -1.38 6.44 3.56
N MET A 27 -1.03 5.61 4.53
CA MET A 27 0.09 4.69 4.39
C MET A 27 -0.29 3.58 3.42
N GLN A 28 -1.51 3.07 3.58
CA GLN A 28 -2.03 2.03 2.71
C GLN A 28 -2.00 2.46 1.25
N LEU A 29 -2.69 3.54 0.93
CA LEU A 29 -2.76 4.04 -0.44
C LEU A 29 -1.43 4.64 -0.88
N GLY A 30 -0.60 4.99 0.09
CA GLY A 30 0.72 5.51 -0.21
C GLY A 30 1.64 4.44 -0.75
N LYS A 31 1.56 3.25 -0.18
CA LYS A 31 2.38 2.13 -0.62
C LYS A 31 1.68 1.35 -1.73
N GLN A 32 0.37 1.19 -1.62
CA GLN A 32 -0.40 0.41 -2.58
C GLN A 32 -0.31 1.03 -3.96
N GLN A 33 -0.78 2.26 -4.09
CA GLN A 33 -0.80 2.94 -5.37
C GLN A 33 0.61 3.15 -5.92
N ARG A 34 1.57 3.32 -5.02
CA ARG A 34 2.95 3.54 -5.41
C ARG A 34 3.57 2.29 -6.01
N GLU A 35 3.50 1.19 -5.28
CA GLU A 35 4.14 -0.04 -5.70
C GLU A 35 3.44 -0.68 -6.88
N LYS A 36 2.16 -0.38 -7.04
CA LYS A 36 1.40 -0.91 -8.19
C LYS A 36 1.94 -0.32 -9.49
N GLN A 37 2.61 0.82 -9.37
CA GLN A 37 3.27 1.44 -10.51
C GLN A 37 4.71 0.93 -10.63
N ARG A 38 5.36 0.82 -9.47
CA ARG A 38 6.74 0.37 -9.41
C ARG A 38 6.87 -1.07 -9.90
N GLU A 39 5.90 -1.90 -9.56
CA GLU A 39 5.93 -3.32 -9.90
C GLU A 39 5.93 -3.52 -11.41
N SER A 40 5.34 -2.58 -12.14
CA SER A 40 5.26 -2.69 -13.59
C SER A 40 6.66 -2.63 -14.21
N ARG A 41 7.52 -1.84 -13.61
CA ARG A 41 8.89 -1.69 -14.11
C ARG A 41 9.80 -2.72 -13.46
N GLU A 42 9.47 -3.09 -12.24
CA GLU A 42 10.29 -4.04 -11.47
C GLU A 42 9.83 -5.48 -11.73
N LYS A 43 9.49 -5.77 -12.97
CA LYS A 43 9.09 -7.12 -13.36
C LYS A 43 10.29 -7.96 -13.75
N PRO A 44 10.68 -8.94 -12.92
CA PRO A 44 11.74 -9.91 -13.24
C PRO A 44 11.22 -10.97 -14.20
N TYR A 45 9.90 -11.10 -14.25
CA TYR A 45 9.24 -12.08 -15.10
C TYR A 45 9.03 -11.51 -16.50
N LYS A 46 9.96 -10.62 -16.89
CA LYS A 46 9.93 -9.97 -18.20
C LYS A 46 10.04 -10.98 -19.33
N GLU A 47 10.53 -12.17 -19.00
CA GLU A 47 10.81 -13.20 -19.99
C GLU A 47 9.58 -13.60 -20.80
N VAL A 48 8.40 -13.35 -20.25
CA VAL A 48 7.15 -13.71 -20.94
C VAL A 48 7.05 -13.02 -22.29
N THR A 49 7.00 -11.70 -22.27
CA THR A 49 6.90 -10.91 -23.47
C THR A 49 8.09 -11.15 -24.40
N GLU A 50 9.23 -11.47 -23.81
CA GLU A 50 10.47 -11.62 -24.56
C GLU A 50 10.55 -12.99 -25.25
N ASP A 51 10.15 -14.05 -24.54
CA ASP A 51 10.26 -15.39 -25.10
C ASP A 51 9.17 -15.63 -26.14
N LEU A 52 8.03 -14.98 -25.96
CA LEU A 52 6.94 -15.07 -26.93
C LEU A 52 7.33 -14.40 -28.24
N LEU A 53 8.20 -13.41 -28.15
CA LEU A 53 8.65 -12.69 -29.32
C LEU A 53 9.89 -13.34 -29.94
N HIS A 54 11.01 -13.22 -29.25
CA HIS A 54 12.29 -13.65 -29.82
C HIS A 54 12.42 -15.17 -29.79
N LEU A 55 12.26 -15.77 -28.62
CA LEU A 55 12.47 -17.20 -28.46
C LEU A 55 11.55 -18.02 -29.36
N ASN A 56 10.31 -17.60 -29.48
CA ASN A 56 9.34 -18.28 -30.35
C ASN A 56 9.83 -18.24 -31.79
N SER A 57 10.31 -17.08 -32.22
CA SER A 57 10.82 -16.91 -33.58
C SER A 57 12.13 -17.66 -33.77
N LEU A 58 12.85 -17.88 -32.67
CA LEU A 58 14.10 -18.64 -32.71
C LEU A 58 13.83 -20.07 -33.13
N PHE A 59 12.69 -20.61 -32.72
CA PHE A 59 12.25 -21.93 -33.15
C PHE A 59 11.49 -21.81 -34.47
N GLY A 60 10.83 -20.67 -34.63
CA GLY A 60 10.28 -20.26 -35.91
C GLY A 60 9.17 -21.15 -36.42
N GLY A 61 8.33 -21.64 -35.52
CA GLY A 61 7.25 -22.50 -35.94
C GLY A 61 5.93 -21.75 -36.09
N ASP A 62 5.52 -21.58 -37.34
CA ASP A 62 4.23 -20.96 -37.66
C ASP A 62 3.68 -21.58 -38.93
N GLN A 63 4.40 -21.34 -40.04
CA GLN A 63 4.02 -21.85 -41.36
C GLN A 63 2.63 -21.36 -41.75
N PRO A 1 -15.29 18.70 44.58
CA PRO A 1 -15.85 18.33 43.25
C PRO A 1 -14.73 18.15 42.24
N MET A 2 -14.21 16.94 42.14
CA MET A 2 -13.10 16.64 41.24
C MET A 2 -13.50 16.88 39.78
N ALA A 3 -14.78 16.68 39.48
CA ALA A 3 -15.28 16.82 38.11
C ALA A 3 -15.29 18.28 37.65
N GLN A 4 -15.15 19.21 38.60
CA GLN A 4 -15.17 20.62 38.27
C GLN A 4 -13.90 21.03 37.55
N VAL A 5 -12.80 20.36 37.86
CA VAL A 5 -11.51 20.67 37.27
C VAL A 5 -10.97 19.45 36.53
N HIS A 6 -10.57 19.65 35.28
CA HIS A 6 -10.04 18.57 34.43
C HIS A 6 -11.10 17.48 34.23
N GLN A 7 -12.37 17.89 34.28
CA GLN A 7 -13.54 16.99 34.13
C GLN A 7 -13.42 15.72 34.99
N GLY A 8 -12.68 15.82 36.10
CA GLY A 8 -12.52 14.69 36.99
C GLY A 8 -11.50 13.67 36.49
N LEU A 9 -11.41 13.53 35.18
CA LEU A 9 -10.51 12.58 34.56
C LEU A 9 -10.13 13.06 33.17
N MET A 10 -8.91 13.54 33.04
CA MET A 10 -8.44 14.05 31.76
C MET A 10 -7.93 12.89 30.91
N PRO A 11 -8.23 12.91 29.60
CA PRO A 11 -7.75 11.89 28.67
C PRO A 11 -6.35 12.18 28.16
N THR A 12 -5.49 11.18 28.16
CA THR A 12 -4.12 11.33 27.68
C THR A 12 -4.07 11.25 26.18
N ALA A 13 -5.09 10.62 25.62
CA ALA A 13 -5.24 10.51 24.18
C ALA A 13 -6.72 10.58 23.83
N PRO A 14 -7.14 11.67 23.17
CA PRO A 14 -8.54 11.92 22.83
C PRO A 14 -9.19 10.78 22.05
N PRO A 15 -10.17 10.09 22.65
CA PRO A 15 -10.95 9.05 21.98
C PRO A 15 -11.94 9.65 20.99
N GLU A 16 -11.92 10.97 20.91
CA GLU A 16 -12.85 11.73 20.09
C GLU A 16 -12.61 11.46 18.60
N ASP A 17 -11.34 11.37 18.21
CA ASP A 17 -11.00 11.24 16.80
C ASP A 17 -10.92 9.77 16.38
N PRO A 18 -11.59 9.43 15.28
CA PRO A 18 -11.39 8.14 14.62
C PRO A 18 -10.14 8.15 13.75
N ALA A 19 -9.57 9.35 13.60
CA ALA A 19 -8.43 9.60 12.74
C ALA A 19 -7.26 8.68 13.08
N VAL A 20 -7.05 8.41 14.36
CA VAL A 20 -5.98 7.51 14.80
C VAL A 20 -5.96 6.20 13.99
N ASP A 21 -7.14 5.62 13.78
CA ASP A 21 -7.24 4.40 12.99
C ASP A 21 -7.50 4.72 11.52
N LEU A 22 -8.40 5.66 11.28
CA LEU A 22 -8.85 5.97 9.92
C LEU A 22 -7.72 6.52 9.06
N LEU A 23 -6.76 7.17 9.68
CA LEU A 23 -5.59 7.66 8.97
C LEU A 23 -4.83 6.51 8.34
N LYS A 24 -4.54 5.50 9.15
CA LYS A 24 -3.79 4.33 8.72
C LYS A 24 -4.53 3.60 7.59
N ASN A 25 -5.86 3.69 7.61
CA ASN A 25 -6.69 3.06 6.59
C ASN A 25 -6.30 3.54 5.20
N TYR A 26 -6.19 4.85 5.05
CA TYR A 26 -5.87 5.43 3.75
C TYR A 26 -4.36 5.62 3.59
N MET A 27 -3.68 5.83 4.70
CA MET A 27 -2.23 6.08 4.69
C MET A 27 -1.47 4.91 4.08
N GLN A 28 -1.91 3.69 4.40
CA GLN A 28 -1.26 2.51 3.85
C GLN A 28 -1.32 2.48 2.33
N LEU A 29 -2.40 3.03 1.76
CA LEU A 29 -2.55 3.16 0.32
C LEU A 29 -1.43 4.02 -0.28
N GLY A 30 -0.77 4.82 0.55
CA GLY A 30 0.36 5.60 0.09
C GLY A 30 1.50 4.72 -0.38
N LYS A 31 1.72 3.64 0.35
CA LYS A 31 2.74 2.66 -0.01
C LYS A 31 2.15 1.59 -0.92
N GLN A 32 0.97 1.10 -0.55
CA GLN A 32 0.32 0.01 -1.27
C GLN A 32 0.06 0.36 -2.73
N GLN A 33 -0.51 1.54 -2.96
CA GLN A 33 -0.87 1.96 -4.32
C GLN A 33 0.36 2.45 -5.07
N ARG A 34 1.41 2.79 -4.34
CA ARG A 34 2.62 3.34 -4.95
C ARG A 34 3.24 2.34 -5.93
N GLU A 35 2.99 1.06 -5.73
CA GLU A 35 3.55 0.01 -6.55
C GLU A 35 2.90 -0.02 -7.94
N LYS A 36 1.78 0.68 -8.10
CA LYS A 36 1.03 0.67 -9.36
C LYS A 36 1.89 1.12 -10.54
N GLN A 37 2.85 1.99 -10.27
CA GLN A 37 3.70 2.52 -11.32
C GLN A 37 4.58 1.40 -11.88
N ARG A 38 5.32 0.75 -10.99
CA ARG A 38 6.22 -0.33 -11.38
C ARG A 38 5.43 -1.51 -11.95
N GLU A 39 4.26 -1.76 -11.37
CA GLU A 39 3.41 -2.88 -11.77
C GLU A 39 2.87 -2.69 -13.19
N SER A 40 2.42 -1.48 -13.49
CA SER A 40 1.83 -1.19 -14.80
C SER A 40 2.90 -1.15 -15.88
N ARG A 41 4.15 -0.93 -15.49
CA ARG A 41 5.25 -0.91 -16.44
C ARG A 41 5.85 -2.30 -16.62
N GLU A 42 5.33 -3.25 -15.86
CA GLU A 42 5.83 -4.62 -15.91
C GLU A 42 4.97 -5.46 -16.86
N LYS A 43 4.59 -4.86 -17.97
CA LYS A 43 3.78 -5.53 -18.96
C LYS A 43 4.62 -6.50 -19.77
N PRO A 44 4.17 -7.74 -19.89
CA PRO A 44 4.88 -8.80 -20.62
C PRO A 44 4.89 -8.55 -22.13
N TYR A 45 4.22 -7.50 -22.55
CA TYR A 45 4.15 -7.14 -23.97
C TYR A 45 5.42 -6.42 -24.41
N LYS A 46 6.39 -6.36 -23.51
CA LYS A 46 7.69 -5.77 -23.82
C LYS A 46 8.38 -6.54 -24.95
N GLU A 47 7.97 -7.80 -25.14
CA GLU A 47 8.48 -8.62 -26.23
C GLU A 47 8.05 -8.04 -27.58
N VAL A 48 6.92 -7.35 -27.58
CA VAL A 48 6.39 -6.76 -28.80
C VAL A 48 7.11 -5.46 -29.11
N THR A 49 7.36 -4.66 -28.08
CA THR A 49 8.00 -3.37 -28.26
C THR A 49 9.47 -3.50 -28.66
N GLU A 50 10.14 -4.54 -28.15
CA GLU A 50 11.52 -4.80 -28.55
C GLU A 50 11.56 -5.39 -29.95
N ASP A 51 10.50 -6.11 -30.30
CA ASP A 51 10.38 -6.70 -31.64
C ASP A 51 10.13 -5.61 -32.68
N LEU A 52 9.67 -4.46 -32.22
CA LEU A 52 9.49 -3.32 -33.11
C LEU A 52 10.82 -2.88 -33.71
N LEU A 53 11.91 -3.23 -33.03
CA LEU A 53 13.24 -2.97 -33.55
C LEU A 53 13.55 -3.92 -34.70
N HIS A 54 12.99 -5.12 -34.65
CA HIS A 54 13.10 -6.07 -35.75
C HIS A 54 12.30 -5.54 -36.94
N LEU A 55 11.17 -4.94 -36.63
CA LEU A 55 10.33 -4.30 -37.63
C LEU A 55 11.10 -3.14 -38.27
N ASN A 56 11.81 -2.38 -37.44
CA ASN A 56 12.66 -1.29 -37.92
C ASN A 56 13.75 -1.81 -38.85
N SER A 57 14.15 -3.05 -38.62
CA SER A 57 15.19 -3.69 -39.43
C SER A 57 14.72 -3.93 -40.85
N LEU A 58 13.41 -3.88 -41.05
CA LEU A 58 12.83 -4.08 -42.37
C LEU A 58 13.04 -2.83 -43.23
N PHE A 59 13.56 -1.76 -42.61
CA PHE A 59 13.78 -0.50 -43.31
C PHE A 59 15.26 -0.28 -43.62
N GLY A 60 16.04 -1.35 -43.64
CA GLY A 60 17.45 -1.22 -43.95
C GLY A 60 18.37 -1.98 -43.01
N GLY A 61 17.82 -2.96 -42.32
CA GLY A 61 18.61 -3.79 -41.43
C GLY A 61 18.75 -5.20 -41.97
N ASP A 62 19.31 -6.09 -41.18
CA ASP A 62 19.49 -7.49 -41.59
C ASP A 62 18.15 -8.15 -41.85
N GLN A 63 17.41 -8.43 -40.78
CA GLN A 63 16.13 -9.09 -40.90
C GLN A 63 15.05 -8.25 -40.25
N PRO A 1 -32.62 8.43 29.00
CA PRO A 1 -32.88 7.09 29.57
C PRO A 1 -32.13 6.01 28.81
N MET A 2 -30.82 6.02 28.92
CA MET A 2 -29.97 5.03 28.26
C MET A 2 -28.96 4.44 29.25
N ALA A 3 -29.33 4.46 30.53
CA ALA A 3 -28.44 4.01 31.59
C ALA A 3 -28.29 2.50 31.61
N GLN A 4 -29.28 1.80 31.03
CA GLN A 4 -29.27 0.34 31.02
C GLN A 4 -28.20 -0.20 30.08
N VAL A 5 -27.89 0.57 29.04
CA VAL A 5 -26.87 0.15 28.09
C VAL A 5 -25.59 0.94 28.28
N HIS A 6 -24.48 0.22 28.38
CA HIS A 6 -23.18 0.86 28.55
C HIS A 6 -22.31 0.61 27.33
N GLN A 7 -22.91 -0.02 26.33
CA GLN A 7 -22.22 -0.29 25.08
C GLN A 7 -22.18 0.98 24.23
N GLY A 8 -21.37 0.97 23.19
CA GLY A 8 -21.20 2.15 22.36
C GLY A 8 -20.06 3.00 22.87
N LEU A 9 -19.10 2.35 23.51
CA LEU A 9 -17.94 3.03 24.05
C LEU A 9 -17.16 3.69 22.91
N MET A 10 -16.86 4.96 23.09
CA MET A 10 -16.15 5.74 22.07
C MET A 10 -14.82 5.07 21.70
N PRO A 11 -14.59 4.84 20.40
CA PRO A 11 -13.37 4.19 19.89
C PRO A 11 -12.10 4.93 20.30
N THR A 12 -11.00 4.17 20.36
CA THR A 12 -9.70 4.72 20.71
C THR A 12 -9.17 5.59 19.58
N ALA A 13 -9.75 5.40 18.41
CA ALA A 13 -9.48 6.22 17.26
C ALA A 13 -10.73 6.99 16.86
N PRO A 14 -10.76 8.30 17.15
CA PRO A 14 -11.92 9.13 16.82
C PRO A 14 -12.03 9.38 15.31
N PRO A 15 -13.12 8.89 14.69
CA PRO A 15 -13.36 9.08 13.25
C PRO A 15 -13.52 10.54 12.89
N GLU A 16 -13.78 11.36 13.89
CA GLU A 16 -13.90 12.79 13.71
C GLU A 16 -12.55 13.40 13.35
N ASP A 17 -11.48 12.79 13.86
CA ASP A 17 -10.12 13.25 13.57
C ASP A 17 -9.49 12.36 12.51
N PRO A 18 -9.47 12.84 11.25
CA PRO A 18 -8.95 12.06 10.12
C PRO A 18 -7.51 11.61 10.32
N ALA A 19 -6.71 12.46 10.96
CA ALA A 19 -5.26 12.21 11.11
C ALA A 19 -4.98 10.85 11.77
N VAL A 20 -5.83 10.47 12.72
CA VAL A 20 -5.63 9.23 13.47
C VAL A 20 -5.79 8.01 12.56
N ASP A 21 -6.76 8.09 11.67
CA ASP A 21 -7.03 6.99 10.74
C ASP A 21 -6.15 7.10 9.51
N LEU A 22 -5.87 8.33 9.10
CA LEU A 22 -5.05 8.63 7.93
C LEU A 22 -3.69 7.97 8.03
N LEU A 23 -3.16 7.86 9.24
CA LEU A 23 -1.87 7.24 9.48
C LEU A 23 -1.83 5.84 8.87
N LYS A 24 -2.81 5.01 9.21
CA LYS A 24 -2.85 3.63 8.73
C LYS A 24 -3.22 3.58 7.26
N ASN A 25 -4.07 4.50 6.84
CA ASN A 25 -4.46 4.59 5.45
C ASN A 25 -3.21 4.81 4.59
N TYR A 26 -2.47 5.87 4.89
CA TYR A 26 -1.29 6.21 4.10
C TYR A 26 -0.13 5.28 4.40
N MET A 27 -0.18 4.59 5.53
CA MET A 27 0.80 3.56 5.84
C MET A 27 0.60 2.41 4.87
N GLN A 28 -0.64 1.96 4.75
CA GLN A 28 -0.97 0.86 3.85
C GLN A 28 -0.88 1.29 2.38
N LEU A 29 -1.28 2.53 2.11
CA LEU A 29 -1.16 3.09 0.76
C LEU A 29 0.30 3.25 0.38
N GLY A 30 1.18 3.16 1.37
CA GLY A 30 2.60 3.23 1.12
C GLY A 30 3.03 2.25 0.05
N LYS A 31 2.82 0.97 0.30
CA LYS A 31 3.17 -0.06 -0.65
C LYS A 31 2.14 -0.15 -1.77
N GLN A 32 0.86 -0.04 -1.40
CA GLN A 32 -0.23 -0.19 -2.36
C GLN A 32 -0.08 0.78 -3.52
N GLN A 33 0.12 2.05 -3.21
CA GLN A 33 0.29 3.06 -4.26
C GLN A 33 1.64 2.87 -4.96
N ARG A 34 2.65 2.43 -4.22
CA ARG A 34 3.97 2.21 -4.78
C ARG A 34 3.93 1.15 -5.89
N GLU A 35 3.42 -0.02 -5.58
CA GLU A 35 3.36 -1.10 -6.55
C GLU A 35 2.40 -0.77 -7.68
N LYS A 36 1.39 0.05 -7.38
CA LYS A 36 0.42 0.47 -8.38
C LYS A 36 1.06 1.45 -9.36
N GLN A 37 1.82 2.39 -8.81
CA GLN A 37 2.49 3.40 -9.62
C GLN A 37 3.58 2.78 -10.48
N ARG A 38 4.26 1.77 -9.95
CA ARG A 38 5.27 1.05 -10.69
C ARG A 38 4.64 0.10 -11.71
N GLU A 39 3.41 -0.31 -11.42
CA GLU A 39 2.64 -1.18 -12.31
C GLU A 39 2.41 -0.50 -13.64
N SER A 40 2.45 0.83 -13.63
CA SER A 40 2.24 1.62 -14.84
C SER A 40 3.46 1.55 -15.76
N ARG A 41 4.62 1.21 -15.19
CA ARG A 41 5.84 1.11 -15.97
C ARG A 41 6.03 -0.30 -16.49
N GLU A 42 5.53 -1.27 -15.74
CA GLU A 42 5.57 -2.67 -16.16
C GLU A 42 4.33 -2.99 -17.00
N LYS A 43 3.92 -2.01 -17.78
CA LYS A 43 2.71 -2.09 -18.60
C LYS A 43 2.74 -3.30 -19.54
N PRO A 44 1.53 -3.78 -19.93
CA PRO A 44 1.36 -4.99 -20.75
C PRO A 44 2.07 -4.92 -22.10
N TYR A 45 2.49 -3.72 -22.48
CA TYR A 45 3.25 -3.53 -23.71
C TYR A 45 4.72 -3.87 -23.48
N LYS A 46 4.97 -4.67 -22.46
CA LYS A 46 6.30 -5.15 -22.14
C LYS A 46 6.85 -6.02 -23.28
N GLU A 47 5.93 -6.72 -23.95
CA GLU A 47 6.30 -7.63 -25.04
C GLU A 47 6.94 -6.88 -26.20
N VAL A 48 6.77 -5.57 -26.24
CA VAL A 48 7.40 -4.75 -27.25
C VAL A 48 8.91 -4.69 -27.03
N THR A 49 9.31 -4.20 -25.87
CA THR A 49 10.72 -3.96 -25.60
C THR A 49 11.41 -5.18 -24.97
N GLU A 50 10.75 -5.84 -24.03
CA GLU A 50 11.37 -6.94 -23.29
C GLU A 50 11.61 -8.13 -24.19
N ASP A 51 10.66 -8.42 -25.07
CA ASP A 51 10.76 -9.56 -25.98
C ASP A 51 11.94 -9.41 -26.93
N LEU A 52 12.18 -8.18 -27.39
CA LEU A 52 13.31 -7.90 -28.27
C LEU A 52 14.62 -8.27 -27.59
N LEU A 53 14.78 -7.84 -26.35
CA LEU A 53 15.99 -8.09 -25.59
C LEU A 53 16.10 -9.57 -25.24
N HIS A 54 14.98 -10.15 -24.80
CA HIS A 54 14.95 -11.56 -24.44
C HIS A 54 15.30 -12.43 -25.63
N LEU A 55 14.72 -12.13 -26.78
CA LEU A 55 15.00 -12.87 -28.00
C LEU A 55 16.46 -12.72 -28.40
N ASN A 56 16.94 -11.49 -28.39
CA ASN A 56 18.32 -11.19 -28.77
C ASN A 56 19.31 -11.95 -27.88
N SER A 57 19.12 -11.85 -26.57
CA SER A 57 20.01 -12.48 -25.60
C SER A 57 19.98 -14.01 -25.75
N LEU A 58 18.78 -14.56 -25.90
CA LEU A 58 18.61 -16.00 -26.02
C LEU A 58 19.15 -16.52 -27.34
N PHE A 59 18.81 -15.82 -28.42
CA PHE A 59 19.22 -16.22 -29.77
C PHE A 59 20.74 -16.13 -29.93
N GLY A 60 21.35 -15.21 -29.21
CA GLY A 60 22.79 -15.04 -29.30
C GLY A 60 23.19 -14.08 -30.39
N GLY A 61 22.29 -13.13 -30.67
CA GLY A 61 22.54 -12.16 -31.72
C GLY A 61 23.54 -11.10 -31.29
N ASP A 62 24.57 -10.93 -32.11
CA ASP A 62 25.64 -9.97 -31.83
C ASP A 62 26.35 -10.30 -30.52
N GLN A 63 27.30 -11.20 -30.59
CA GLN A 63 28.09 -11.59 -29.44
C GLN A 63 29.52 -11.08 -29.60
N PRO A 1 -18.88 14.17 42.03
CA PRO A 1 -19.34 15.39 41.33
C PRO A 1 -20.62 15.10 40.55
N MET A 2 -21.47 16.10 40.40
CA MET A 2 -22.74 15.93 39.70
C MET A 2 -22.99 17.09 38.75
N ALA A 3 -22.92 18.31 39.28
CA ALA A 3 -23.24 19.51 38.52
C ALA A 3 -22.16 19.84 37.48
N GLN A 4 -20.96 20.14 37.96
CA GLN A 4 -19.86 20.55 37.09
C GLN A 4 -19.49 19.42 36.13
N VAL A 5 -19.08 18.31 36.69
CA VAL A 5 -18.72 17.14 35.91
C VAL A 5 -19.43 15.92 36.48
N HIS A 6 -19.69 14.94 35.64
CA HIS A 6 -20.41 13.75 36.07
C HIS A 6 -20.04 12.56 35.19
N GLN A 7 -20.24 12.71 33.90
CA GLN A 7 -19.88 11.67 32.94
C GLN A 7 -19.86 12.26 31.53
N GLY A 8 -19.29 11.52 30.60
CA GLY A 8 -19.17 12.02 29.24
C GLY A 8 -17.81 12.64 29.00
N LEU A 9 -16.94 12.53 30.00
CA LEU A 9 -15.59 13.06 29.92
C LEU A 9 -14.76 12.24 28.94
N MET A 10 -13.86 12.91 28.23
CA MET A 10 -13.01 12.22 27.26
C MET A 10 -11.94 11.43 28.00
N PRO A 11 -11.80 10.13 27.67
CA PRO A 11 -10.80 9.27 28.28
C PRO A 11 -9.42 9.51 27.69
N THR A 12 -8.40 9.09 28.42
CA THR A 12 -7.01 9.27 27.99
C THR A 12 -6.65 8.29 26.89
N ALA A 13 -7.59 7.43 26.53
CA ALA A 13 -7.41 6.50 25.44
C ALA A 13 -8.62 6.53 24.52
N PRO A 14 -8.52 7.27 23.40
CA PRO A 14 -9.60 7.38 22.43
C PRO A 14 -9.52 6.32 21.32
N PRO A 15 -10.45 5.36 21.32
CA PRO A 15 -10.51 4.33 20.29
C PRO A 15 -11.12 4.87 18.99
N GLU A 16 -11.77 6.01 19.11
CA GLU A 16 -12.43 6.66 17.98
C GLU A 16 -11.49 7.67 17.33
N ASP A 17 -10.23 7.67 17.72
CA ASP A 17 -9.26 8.63 17.20
C ASP A 17 -9.08 8.48 15.70
N PRO A 18 -9.36 9.55 14.95
CA PRO A 18 -9.25 9.54 13.48
C PRO A 18 -7.82 9.69 13.00
N ALA A 19 -6.91 10.10 13.88
CA ALA A 19 -5.52 10.35 13.49
C ALA A 19 -4.84 9.07 13.05
N VAL A 20 -5.03 8.00 13.82
CA VAL A 20 -4.47 6.70 13.48
C VAL A 20 -4.88 6.27 12.07
N ASP A 21 -6.17 6.34 11.80
CA ASP A 21 -6.71 5.94 10.50
C ASP A 21 -6.28 6.90 9.40
N LEU A 22 -6.18 8.17 9.74
CA LEU A 22 -5.75 9.19 8.78
C LEU A 22 -4.32 8.91 8.31
N LEU A 23 -3.42 8.75 9.28
CA LEU A 23 -2.02 8.52 8.98
C LEU A 23 -1.82 7.19 8.27
N LYS A 24 -2.56 6.18 8.69
CA LYS A 24 -2.45 4.85 8.11
C LYS A 24 -3.00 4.83 6.70
N ASN A 25 -4.09 5.56 6.47
CA ASN A 25 -4.68 5.63 5.14
C ASN A 25 -3.67 6.19 4.15
N TYR A 26 -2.93 7.20 4.60
CA TYR A 26 -1.94 7.85 3.76
C TYR A 26 -0.71 6.95 3.62
N MET A 27 -0.39 6.23 4.69
CA MET A 27 0.69 5.26 4.67
C MET A 27 0.33 4.11 3.73
N GLN A 28 -0.92 3.70 3.78
CA GLN A 28 -1.43 2.67 2.88
C GLN A 28 -1.28 3.11 1.43
N LEU A 29 -1.79 4.30 1.11
CA LEU A 29 -1.69 4.84 -0.25
C LEU A 29 -0.24 5.04 -0.65
N GLY A 30 0.61 5.33 0.33
CA GLY A 30 2.03 5.47 0.07
C GLY A 30 2.63 4.18 -0.50
N LYS A 31 2.18 3.05 0.02
CA LYS A 31 2.64 1.75 -0.44
C LYS A 31 1.79 1.25 -1.60
N GLN A 32 0.50 1.53 -1.53
CA GLN A 32 -0.45 1.15 -2.56
C GLN A 32 -0.04 1.73 -3.90
N GLN A 33 0.02 3.05 -3.96
CA GLN A 33 0.41 3.76 -5.18
C GLN A 33 1.84 3.37 -5.58
N ARG A 34 2.69 3.17 -4.58
CA ARG A 34 4.08 2.79 -4.82
C ARG A 34 4.17 1.48 -5.57
N GLU A 35 3.45 0.47 -5.08
CA GLU A 35 3.45 -0.84 -5.69
C GLU A 35 2.72 -0.79 -7.03
N LYS A 36 1.61 -0.08 -7.05
CA LYS A 36 0.76 0.01 -8.23
C LYS A 36 1.39 0.86 -9.32
N GLN A 37 2.51 1.51 -9.01
CA GLN A 37 3.24 2.30 -9.99
C GLN A 37 4.29 1.43 -10.68
N ARG A 38 4.63 0.32 -10.05
CA ARG A 38 5.69 -0.56 -10.54
C ARG A 38 5.11 -1.77 -11.27
N GLU A 39 3.85 -2.10 -10.98
CA GLU A 39 3.22 -3.30 -11.53
C GLU A 39 3.09 -3.27 -13.06
N SER A 40 3.43 -2.14 -13.65
CA SER A 40 3.36 -1.99 -15.10
C SER A 40 4.58 -2.63 -15.77
N ARG A 41 5.76 -2.08 -15.49
CA ARG A 41 6.97 -2.52 -16.19
C ARG A 41 7.68 -3.67 -15.48
N GLU A 42 7.13 -4.12 -14.37
CA GLU A 42 7.71 -5.25 -13.63
C GLU A 42 7.22 -6.59 -14.19
N LYS A 43 7.15 -6.70 -15.51
CA LYS A 43 6.73 -7.95 -16.15
C LYS A 43 7.95 -8.80 -16.52
N PRO A 44 8.30 -9.76 -15.64
CA PRO A 44 9.57 -10.50 -15.74
C PRO A 44 9.76 -11.23 -17.07
N TYR A 45 8.68 -11.77 -17.62
CA TYR A 45 8.76 -12.54 -18.86
C TYR A 45 9.39 -11.74 -19.99
N LYS A 46 9.18 -10.43 -20.02
CA LYS A 46 9.79 -9.59 -21.03
C LYS A 46 11.14 -9.06 -20.54
N GLU A 47 11.24 -8.85 -19.23
CA GLU A 47 12.45 -8.28 -18.64
C GLU A 47 13.65 -9.17 -18.89
N VAL A 48 13.46 -10.48 -18.78
CA VAL A 48 14.53 -11.44 -19.00
C VAL A 48 15.06 -11.35 -20.43
N THR A 49 14.16 -11.44 -21.39
CA THR A 49 14.54 -11.41 -22.80
C THR A 49 15.06 -10.04 -23.21
N GLU A 50 14.43 -8.99 -22.71
CA GLU A 50 14.85 -7.62 -23.00
C GLU A 50 16.32 -7.43 -22.64
N ASP A 51 16.67 -7.93 -21.45
CA ASP A 51 18.00 -7.80 -20.90
C ASP A 51 19.04 -8.52 -21.77
N LEU A 52 18.80 -9.79 -22.05
CA LEU A 52 19.78 -10.60 -22.76
C LEU A 52 19.80 -10.31 -24.25
N LEU A 53 18.68 -9.84 -24.79
CA LEU A 53 18.57 -9.60 -26.22
C LEU A 53 19.02 -8.19 -26.59
N HIS A 54 18.31 -7.19 -26.08
CA HIS A 54 18.55 -5.81 -26.50
C HIS A 54 19.60 -5.13 -25.63
N LEU A 55 19.43 -5.20 -24.31
CA LEU A 55 20.31 -4.50 -23.38
C LEU A 55 21.74 -5.00 -23.53
N ASN A 56 21.90 -6.31 -23.56
CA ASN A 56 23.22 -6.94 -23.70
C ASN A 56 23.93 -6.50 -24.98
N SER A 57 23.21 -6.52 -26.09
CA SER A 57 23.83 -6.22 -27.39
C SER A 57 23.99 -4.72 -27.61
N LEU A 58 23.32 -3.93 -26.78
CA LEU A 58 23.35 -2.48 -26.92
C LEU A 58 24.76 -1.94 -26.72
N PHE A 59 25.31 -2.14 -25.52
CA PHE A 59 26.66 -1.65 -25.22
C PHE A 59 27.60 -2.78 -24.82
N GLY A 60 27.11 -4.01 -24.89
CA GLY A 60 27.94 -5.18 -24.64
C GLY A 60 28.13 -5.48 -23.17
N GLY A 61 28.13 -4.45 -22.34
CA GLY A 61 28.33 -4.63 -20.92
C GLY A 61 27.04 -4.93 -20.17
N ASP A 62 27.15 -5.08 -18.87
CA ASP A 62 25.99 -5.32 -18.03
C ASP A 62 25.95 -4.34 -16.87
N GLN A 63 24.80 -3.71 -16.68
CA GLN A 63 24.61 -2.78 -15.58
C GLN A 63 24.07 -3.51 -14.37
N PRO A 1 -22.39 -2.99 27.26
CA PRO A 1 -21.38 -3.34 28.29
C PRO A 1 -21.06 -2.14 29.17
N MET A 2 -20.54 -1.07 28.58
CA MET A 2 -20.19 0.15 29.31
C MET A 2 -19.15 -0.14 30.40
N ALA A 3 -18.17 -0.96 30.04
CA ALA A 3 -17.12 -1.34 30.98
C ALA A 3 -16.03 -0.27 31.03
N GLN A 4 -15.29 -0.15 29.94
CA GLN A 4 -14.17 0.78 29.87
C GLN A 4 -14.65 2.24 29.85
N VAL A 5 -15.82 2.47 29.25
CA VAL A 5 -16.40 3.80 29.20
C VAL A 5 -17.85 3.75 29.67
N HIS A 6 -18.16 4.49 30.72
CA HIS A 6 -19.50 4.51 31.28
C HIS A 6 -19.84 5.89 31.84
N GLN A 7 -19.81 6.89 30.95
CA GLN A 7 -20.11 8.29 31.29
C GLN A 7 -19.03 8.89 32.19
N GLY A 8 -18.66 10.13 31.90
CA GLY A 8 -17.64 10.81 32.67
C GLY A 8 -16.25 10.26 32.42
N LEU A 9 -16.13 9.50 31.34
CA LEU A 9 -14.86 8.86 31.01
C LEU A 9 -14.54 9.03 29.53
N MET A 10 -13.32 9.44 29.25
CA MET A 10 -12.81 9.50 27.89
C MET A 10 -12.38 8.10 27.47
N PRO A 11 -12.07 7.87 26.18
CA PRO A 11 -11.55 6.58 25.71
C PRO A 11 -10.39 6.09 26.56
N THR A 12 -10.57 4.94 27.19
CA THR A 12 -9.55 4.37 28.06
C THR A 12 -8.81 3.26 27.33
N ALA A 13 -8.96 3.25 26.02
CA ALA A 13 -8.34 2.23 25.17
C ALA A 13 -6.82 2.32 25.21
N PRO A 14 -6.13 1.19 25.02
CA PRO A 14 -4.67 1.14 24.93
C PRO A 14 -4.17 1.87 23.68
N PRO A 15 -2.84 2.12 23.58
CA PRO A 15 -2.22 2.90 22.48
C PRO A 15 -2.47 2.32 21.09
N GLU A 16 -3.22 1.22 21.02
CA GLU A 16 -3.63 0.62 19.77
C GLU A 16 -4.83 1.38 19.18
N ASP A 17 -5.11 2.57 19.75
CA ASP A 17 -6.19 3.45 19.31
C ASP A 17 -6.29 3.52 17.78
N PRO A 18 -7.52 3.58 17.26
CA PRO A 18 -7.78 3.63 15.82
C PRO A 18 -7.19 4.85 15.14
N ALA A 19 -6.73 5.81 15.94
CA ALA A 19 -6.00 6.96 15.42
C ALA A 19 -4.79 6.50 14.63
N VAL A 20 -4.13 5.47 15.13
CA VAL A 20 -2.95 4.90 14.48
C VAL A 20 -3.37 4.20 13.18
N ASP A 21 -4.64 3.79 13.13
CA ASP A 21 -5.18 3.16 11.93
C ASP A 21 -5.49 4.22 10.88
N LEU A 22 -5.83 5.41 11.36
CA LEU A 22 -6.02 6.56 10.47
C LEU A 22 -4.69 6.93 9.81
N LEU A 23 -3.61 6.82 10.57
CA LEU A 23 -2.26 7.02 10.03
C LEU A 23 -1.93 5.95 8.99
N LYS A 24 -2.21 4.69 9.34
CA LYS A 24 -1.92 3.58 8.45
C LYS A 24 -2.86 3.57 7.24
N ASN A 25 -3.98 4.27 7.37
CA ASN A 25 -4.94 4.36 6.27
C ASN A 25 -4.31 5.06 5.08
N TYR A 26 -3.63 6.16 5.35
CA TYR A 26 -2.98 6.93 4.32
C TYR A 26 -1.66 6.29 3.93
N MET A 27 -0.97 5.72 4.93
CA MET A 27 0.30 5.04 4.67
C MET A 27 0.10 3.88 3.72
N GLN A 28 -1.02 3.18 3.88
CA GLN A 28 -1.38 2.08 2.99
C GLN A 28 -1.45 2.57 1.54
N LEU A 29 -2.24 3.61 1.30
CA LEU A 29 -2.38 4.17 -0.04
C LEU A 29 -1.05 4.67 -0.58
N GLY A 30 -0.21 5.18 0.31
CA GLY A 30 1.12 5.58 -0.09
C GLY A 30 1.88 4.43 -0.72
N LYS A 31 1.84 3.28 -0.08
CA LYS A 31 2.54 2.10 -0.58
C LYS A 31 1.74 1.42 -1.68
N GLN A 32 0.42 1.36 -1.52
CA GLN A 32 -0.45 0.70 -2.50
C GLN A 32 -0.33 1.36 -3.86
N GLN A 33 -0.50 2.68 -3.87
CA GLN A 33 -0.34 3.47 -5.10
C GLN A 33 1.08 3.29 -5.67
N ARG A 34 2.07 3.34 -4.79
CA ARG A 34 3.46 3.16 -5.18
C ARG A 34 3.72 1.76 -5.73
N GLU A 35 3.19 0.77 -5.04
CA GLU A 35 3.41 -0.64 -5.33
C GLU A 35 3.11 -0.98 -6.79
N LYS A 36 2.11 -0.33 -7.36
CA LYS A 36 1.69 -0.66 -8.71
C LYS A 36 2.79 -0.32 -9.72
N GLN A 37 3.50 0.78 -9.49
CA GLN A 37 4.60 1.19 -10.36
C GLN A 37 5.93 0.64 -9.85
N ARG A 38 5.91 0.17 -8.62
CA ARG A 38 7.12 -0.31 -7.95
C ARG A 38 7.31 -1.81 -8.17
N GLU A 39 6.20 -2.54 -8.31
CA GLU A 39 6.20 -3.99 -8.35
C GLU A 39 7.15 -4.55 -9.42
N SER A 40 7.27 -3.86 -10.53
CA SER A 40 8.15 -4.30 -11.61
C SER A 40 9.60 -4.30 -11.16
N ARG A 41 9.95 -3.36 -10.29
CA ARG A 41 11.30 -3.24 -9.77
C ARG A 41 11.49 -4.02 -8.46
N GLU A 42 10.43 -4.66 -7.99
CA GLU A 42 10.47 -5.35 -6.69
C GLU A 42 11.02 -6.77 -6.81
N LYS A 43 11.98 -6.96 -7.70
CA LYS A 43 12.67 -8.24 -7.80
C LYS A 43 14.11 -8.06 -8.32
N PRO A 44 14.92 -7.19 -7.68
CA PRO A 44 16.33 -7.05 -8.01
C PRO A 44 17.20 -7.99 -7.18
N TYR A 45 16.99 -7.97 -5.87
CA TYR A 45 17.74 -8.81 -4.95
C TYR A 45 16.76 -9.53 -4.02
N LYS A 46 15.57 -9.79 -4.53
CA LYS A 46 14.49 -10.36 -3.74
C LYS A 46 14.92 -11.67 -3.08
N GLU A 47 15.55 -12.52 -3.85
CA GLU A 47 15.97 -13.84 -3.38
C GLU A 47 17.03 -13.73 -2.29
N VAL A 48 17.68 -12.57 -2.20
CA VAL A 48 18.71 -12.34 -1.21
C VAL A 48 18.10 -11.75 0.07
N THR A 49 17.03 -10.99 -0.09
CA THR A 49 16.40 -10.33 1.06
C THR A 49 15.29 -11.20 1.66
N GLU A 50 14.60 -11.98 0.84
CA GLU A 50 13.44 -12.73 1.31
C GLU A 50 13.85 -13.92 2.17
N ASP A 51 15.03 -14.47 1.94
CA ASP A 51 15.50 -15.59 2.75
C ASP A 51 15.77 -15.13 4.19
N LEU A 52 15.98 -13.84 4.34
CA LEU A 52 16.16 -13.24 5.66
C LEU A 52 14.82 -13.19 6.39
N LEU A 53 13.77 -12.85 5.65
CA LEU A 53 12.42 -12.82 6.21
C LEU A 53 11.93 -14.24 6.45
N HIS A 54 12.28 -15.14 5.55
CA HIS A 54 11.95 -16.56 5.72
C HIS A 54 12.54 -17.09 7.02
N LEU A 55 13.78 -16.71 7.30
CA LEU A 55 14.45 -17.10 8.53
C LEU A 55 13.67 -16.58 9.74
N ASN A 56 13.30 -15.31 9.69
CA ASN A 56 12.54 -14.69 10.77
C ASN A 56 11.19 -15.37 10.96
N SER A 57 10.58 -15.75 9.83
CA SER A 57 9.27 -16.39 9.84
C SER A 57 9.36 -17.81 10.43
N LEU A 58 10.55 -18.40 10.39
CA LEU A 58 10.77 -19.73 10.94
C LEU A 58 10.74 -19.69 12.46
N PHE A 59 10.98 -18.51 13.01
CA PHE A 59 10.94 -18.32 14.46
C PHE A 59 9.61 -17.73 14.90
N GLY A 60 8.75 -17.48 13.91
CA GLY A 60 7.42 -16.97 14.20
C GLY A 60 7.44 -15.55 14.71
N GLY A 61 8.19 -14.68 14.03
CA GLY A 61 8.31 -13.30 14.45
C GLY A 61 6.97 -12.60 14.59
N ASP A 62 6.58 -12.36 15.84
CA ASP A 62 5.32 -11.69 16.19
C ASP A 62 4.11 -12.53 15.83
N GLN A 63 2.98 -12.20 16.47
CA GLN A 63 1.69 -12.85 16.22
C GLN A 63 1.74 -14.32 16.61
N PRO A 1 -4.86 32.58 23.81
CA PRO A 1 -5.43 32.14 22.53
C PRO A 1 -6.53 31.11 22.74
N MET A 2 -6.17 29.94 23.26
CA MET A 2 -7.11 28.83 23.43
C MET A 2 -7.85 28.95 24.76
N ALA A 3 -8.54 30.07 24.94
CA ALA A 3 -9.28 30.31 26.18
C ALA A 3 -10.71 29.79 26.08
N GLN A 4 -11.16 29.56 24.85
CA GLN A 4 -12.53 29.12 24.62
C GLN A 4 -12.61 27.61 24.53
N VAL A 5 -11.50 26.97 24.20
CA VAL A 5 -11.45 25.52 24.11
C VAL A 5 -10.28 24.97 24.91
N HIS A 6 -10.49 23.82 25.55
CA HIS A 6 -9.44 23.16 26.31
C HIS A 6 -9.19 21.77 25.75
N GLN A 7 -9.90 21.45 24.68
CA GLN A 7 -9.74 20.19 23.97
C GLN A 7 -9.72 20.44 22.47
N GLY A 8 -9.65 19.37 21.70
CA GLY A 8 -9.57 19.51 20.25
C GLY A 8 -8.20 19.15 19.74
N LEU A 9 -7.22 19.24 20.63
CA LEU A 9 -5.87 18.84 20.32
C LEU A 9 -5.75 17.32 20.34
N MET A 10 -4.58 16.81 19.99
CA MET A 10 -4.36 15.37 20.03
C MET A 10 -4.30 14.90 21.48
N PRO A 11 -5.07 13.86 21.84
CA PRO A 11 -5.16 13.38 23.21
C PRO A 11 -3.98 12.49 23.58
N THR A 12 -3.88 12.19 24.86
CA THR A 12 -2.86 11.29 25.37
C THR A 12 -3.49 9.95 25.74
N ALA A 13 -4.52 9.59 24.98
CA ALA A 13 -5.29 8.39 25.23
C ALA A 13 -4.58 7.17 24.63
N PRO A 14 -5.03 5.95 24.94
CA PRO A 14 -4.55 4.70 24.31
C PRO A 14 -4.42 4.81 22.78
N PRO A 15 -3.75 3.80 22.15
CA PRO A 15 -3.45 3.77 20.70
C PRO A 15 -4.68 3.87 19.79
N GLU A 16 -5.85 4.04 20.39
CA GLU A 16 -7.12 4.18 19.67
C GLU A 16 -7.19 5.51 18.89
N ASP A 17 -6.05 6.20 18.80
CA ASP A 17 -5.94 7.49 18.09
C ASP A 17 -6.67 7.45 16.75
N PRO A 18 -7.61 8.37 16.54
CA PRO A 18 -8.33 8.50 15.26
C PRO A 18 -7.38 8.81 14.10
N ALA A 19 -6.17 9.25 14.44
CA ALA A 19 -5.16 9.58 13.45
C ALA A 19 -4.55 8.33 12.84
N VAL A 20 -4.77 7.17 13.47
CA VAL A 20 -4.27 5.91 12.92
C VAL A 20 -4.94 5.62 11.58
N ASP A 21 -6.21 5.97 11.48
CA ASP A 21 -6.96 5.85 10.23
C ASP A 21 -6.31 6.70 9.14
N LEU A 22 -5.84 7.88 9.52
CA LEU A 22 -5.16 8.77 8.60
C LEU A 22 -3.79 8.21 8.24
N LEU A 23 -3.11 7.63 9.23
CA LEU A 23 -1.81 7.01 9.02
C LEU A 23 -1.94 5.84 8.06
N LYS A 24 -2.98 5.03 8.23
CA LYS A 24 -3.26 3.93 7.33
C LYS A 24 -3.60 4.43 5.94
N ASN A 25 -4.16 5.62 5.86
CA ASN A 25 -4.43 6.24 4.57
C ASN A 25 -3.11 6.48 3.84
N TYR A 26 -2.08 6.85 4.60
CA TYR A 26 -0.75 7.08 4.04
C TYR A 26 -0.05 5.76 3.81
N MET A 27 -0.41 4.75 4.58
CA MET A 27 0.10 3.41 4.36
C MET A 27 -0.46 2.86 3.06
N GLN A 28 -1.77 3.00 2.91
CA GLN A 28 -2.47 2.52 1.73
C GLN A 28 -2.07 3.30 0.47
N LEU A 29 -2.49 4.56 0.40
CA LEU A 29 -2.28 5.37 -0.78
C LEU A 29 -0.86 5.92 -0.85
N GLY A 30 -0.09 5.63 0.18
CA GLY A 30 1.29 6.01 0.19
C GLY A 30 2.20 4.90 -0.31
N LYS A 31 2.12 3.74 0.32
CA LYS A 31 2.98 2.62 -0.04
C LYS A 31 2.35 1.78 -1.14
N GLN A 32 1.12 1.32 -0.93
CA GLN A 32 0.46 0.44 -1.89
C GLN A 32 0.30 1.13 -3.24
N GLN A 33 -0.14 2.40 -3.22
CA GLN A 33 -0.24 3.18 -4.44
C GLN A 33 1.13 3.26 -5.12
N ARG A 34 2.14 3.67 -4.36
CA ARG A 34 3.48 3.87 -4.88
C ARG A 34 4.09 2.57 -5.40
N GLU A 35 3.61 1.44 -4.88
CA GLU A 35 4.09 0.13 -5.32
C GLU A 35 3.29 -0.36 -6.52
N LYS A 36 1.97 -0.17 -6.48
CA LYS A 36 1.08 -0.67 -7.53
C LYS A 36 1.29 0.10 -8.84
N GLN A 37 1.53 1.40 -8.75
CA GLN A 37 1.73 2.23 -9.94
C GLN A 37 2.99 1.81 -10.70
N ARG A 38 3.79 0.96 -10.06
CA ARG A 38 5.03 0.48 -10.64
C ARG A 38 4.77 -0.80 -11.47
N GLU A 39 3.60 -1.40 -11.29
CA GLU A 39 3.30 -2.71 -11.89
C GLU A 39 3.50 -2.72 -13.40
N SER A 40 3.21 -1.61 -14.05
CA SER A 40 3.33 -1.50 -15.50
C SER A 40 4.79 -1.66 -15.93
N ARG A 41 5.70 -1.11 -15.13
CA ARG A 41 7.12 -1.19 -15.40
C ARG A 41 7.72 -2.41 -14.71
N GLU A 42 6.87 -3.14 -14.00
CA GLU A 42 7.30 -4.28 -13.21
C GLU A 42 6.77 -5.58 -13.81
N LYS A 43 6.79 -5.67 -15.14
CA LYS A 43 6.39 -6.89 -15.81
C LYS A 43 7.62 -7.73 -16.13
N PRO A 44 7.97 -8.67 -15.25
CA PRO A 44 9.21 -9.46 -15.36
C PRO A 44 9.05 -10.68 -16.26
N TYR A 45 7.84 -10.88 -16.77
CA TYR A 45 7.50 -12.06 -17.57
C TYR A 45 8.56 -12.41 -18.61
N LYS A 46 9.14 -11.40 -19.24
CA LYS A 46 10.13 -11.61 -20.30
C LYS A 46 11.48 -12.06 -19.71
N GLU A 47 11.88 -11.46 -18.60
CA GLU A 47 13.17 -11.77 -18.00
C GLU A 47 13.10 -13.06 -17.16
N VAL A 48 11.91 -13.41 -16.68
CA VAL A 48 11.74 -14.58 -15.81
C VAL A 48 12.39 -15.84 -16.39
N THR A 49 12.24 -16.04 -17.70
CA THR A 49 12.74 -17.23 -18.35
C THR A 49 14.25 -17.42 -18.13
N GLU A 50 15.01 -16.33 -18.21
CA GLU A 50 16.45 -16.41 -17.97
C GLU A 50 16.77 -16.14 -16.50
N ASP A 51 15.89 -15.38 -15.83
CA ASP A 51 16.07 -15.05 -14.42
C ASP A 51 16.05 -16.30 -13.57
N LEU A 52 15.15 -17.23 -13.90
CA LEU A 52 15.01 -18.47 -13.14
C LEU A 52 16.29 -19.30 -13.20
N LEU A 53 17.04 -19.15 -14.29
CA LEU A 53 18.32 -19.84 -14.43
C LEU A 53 19.28 -19.39 -13.33
N HIS A 54 19.31 -18.09 -13.11
CA HIS A 54 20.16 -17.51 -12.07
C HIS A 54 19.55 -17.76 -10.69
N LEU A 55 18.23 -17.82 -10.64
CA LEU A 55 17.52 -18.12 -9.40
C LEU A 55 17.88 -19.54 -8.94
N ASN A 56 17.85 -20.47 -9.87
CA ASN A 56 18.18 -21.86 -9.56
C ASN A 56 19.59 -21.98 -9.01
N SER A 57 20.54 -21.28 -9.64
CA SER A 57 21.93 -21.36 -9.20
C SER A 57 22.15 -20.69 -7.84
N LEU A 58 21.45 -19.58 -7.60
CA LEU A 58 21.58 -18.88 -6.33
C LEU A 58 20.87 -19.66 -5.21
N PHE A 59 19.88 -20.45 -5.60
CA PHE A 59 19.11 -21.23 -4.65
C PHE A 59 19.76 -22.59 -4.39
N GLY A 60 20.45 -23.11 -5.40
CA GLY A 60 21.08 -24.40 -5.27
C GLY A 60 20.29 -25.50 -5.96
N GLY A 61 19.49 -25.10 -6.95
CA GLY A 61 18.67 -26.04 -7.67
C GLY A 61 19.39 -26.63 -8.87
N ASP A 62 18.84 -27.70 -9.42
CA ASP A 62 19.46 -28.39 -10.56
C ASP A 62 18.67 -28.15 -11.83
N GLN A 63 17.36 -27.97 -11.70
CA GLN A 63 16.50 -27.82 -12.85
C GLN A 63 16.20 -26.36 -13.11
N PRO A 1 -5.39 11.34 23.27
CA PRO A 1 -5.89 11.28 21.88
C PRO A 1 -5.89 12.66 21.25
N MET A 2 -4.85 12.96 20.49
CA MET A 2 -4.68 14.27 19.84
C MET A 2 -4.51 15.36 20.90
N ALA A 3 -4.70 16.62 20.51
CA ALA A 3 -4.54 17.73 21.45
C ALA A 3 -5.47 17.56 22.64
N GLN A 4 -6.76 17.75 22.43
CA GLN A 4 -7.76 17.46 23.45
C GLN A 4 -8.42 16.13 23.13
N VAL A 5 -9.15 16.13 22.02
CA VAL A 5 -9.79 14.92 21.50
C VAL A 5 -10.35 15.22 20.11
N HIS A 6 -10.29 14.24 19.23
CA HIS A 6 -10.74 14.44 17.86
C HIS A 6 -11.41 13.17 17.34
N GLN A 7 -12.56 12.85 17.90
CA GLN A 7 -13.30 11.67 17.49
C GLN A 7 -14.80 11.97 17.49
N GLY A 8 -15.34 12.27 18.67
CA GLY A 8 -16.75 12.64 18.77
C GLY A 8 -17.65 11.46 19.01
N LEU A 9 -17.25 10.31 18.50
CA LEU A 9 -17.99 9.08 18.67
C LEU A 9 -17.03 7.90 18.59
N MET A 10 -17.46 6.76 19.11
CA MET A 10 -16.63 5.58 19.08
C MET A 10 -16.89 4.79 17.81
N PRO A 11 -15.82 4.44 17.07
CA PRO A 11 -15.92 3.69 15.83
C PRO A 11 -16.00 2.19 16.07
N THR A 12 -16.27 1.44 15.00
CA THR A 12 -16.33 -0.02 15.05
C THR A 12 -14.92 -0.61 15.04
N ALA A 13 -13.98 0.12 15.63
CA ALA A 13 -12.58 -0.27 15.69
C ALA A 13 -11.99 0.31 16.98
N PRO A 14 -10.96 -0.35 17.54
CA PRO A 14 -10.32 0.11 18.78
C PRO A 14 -9.85 1.57 18.69
N PRO A 15 -10.53 2.47 19.42
CA PRO A 15 -10.27 3.91 19.36
C PRO A 15 -9.10 4.34 20.23
N GLU A 16 -8.45 3.39 20.89
CA GLU A 16 -7.37 3.68 21.82
C GLU A 16 -6.20 4.38 21.13
N ASP A 17 -5.84 3.91 19.93
CA ASP A 17 -4.85 4.58 19.13
C ASP A 17 -5.48 5.17 17.87
N PRO A 18 -5.98 6.41 17.95
CA PRO A 18 -6.66 7.07 16.84
C PRO A 18 -5.70 7.44 15.71
N ALA A 19 -4.57 8.02 16.09
CA ALA A 19 -3.62 8.52 15.11
C ALA A 19 -2.91 7.38 14.40
N VAL A 20 -2.63 6.31 15.15
CA VAL A 20 -1.93 5.15 14.58
C VAL A 20 -2.85 4.38 13.63
N ASP A 21 -4.09 4.15 14.05
CA ASP A 21 -5.07 3.47 13.22
C ASP A 21 -5.31 4.26 11.94
N LEU A 22 -5.47 5.56 12.10
CA LEU A 22 -5.70 6.45 10.96
C LEU A 22 -4.46 6.49 10.08
N LEU A 23 -3.28 6.46 10.70
CA LEU A 23 -2.01 6.47 9.98
C LEU A 23 -1.99 5.36 8.96
N LYS A 24 -2.10 4.12 9.44
CA LYS A 24 -2.07 2.95 8.57
C LYS A 24 -3.22 2.97 7.57
N ASN A 25 -4.33 3.58 7.99
CA ASN A 25 -5.53 3.67 7.17
C ASN A 25 -5.25 4.35 5.82
N TYR A 26 -4.64 5.53 5.85
CA TYR A 26 -4.34 6.25 4.62
C TYR A 26 -2.95 5.89 4.08
N MET A 27 -2.04 5.49 4.96
CA MET A 27 -0.66 5.22 4.57
C MET A 27 -0.58 4.00 3.68
N GLN A 28 -1.44 3.02 3.93
CA GLN A 28 -1.45 1.78 3.14
C GLN A 28 -1.70 2.08 1.67
N LEU A 29 -2.65 2.97 1.39
CA LEU A 29 -3.00 3.31 0.02
C LEU A 29 -1.96 4.22 -0.58
N GLY A 30 -1.32 5.01 0.27
CA GLY A 30 -0.26 5.88 -0.19
C GLY A 30 0.89 5.11 -0.81
N LYS A 31 1.24 3.99 -0.19
CA LYS A 31 2.31 3.16 -0.67
C LYS A 31 1.81 2.13 -1.68
N GLN A 32 0.60 1.63 -1.47
CA GLN A 32 0.01 0.65 -2.39
C GLN A 32 -0.21 1.26 -3.76
N GLN A 33 -0.89 2.41 -3.79
CA GLN A 33 -1.11 3.13 -5.06
C GLN A 33 0.21 3.45 -5.74
N ARG A 34 1.24 3.59 -4.92
CA ARG A 34 2.58 3.91 -5.41
C ARG A 34 3.25 2.67 -5.99
N GLU A 35 3.37 1.63 -5.16
CA GLU A 35 4.13 0.44 -5.49
C GLU A 35 3.48 -0.39 -6.60
N LYS A 36 2.16 -0.22 -6.77
CA LYS A 36 1.45 -0.97 -7.81
C LYS A 36 1.96 -0.55 -9.20
N GLN A 37 2.50 0.66 -9.29
CA GLN A 37 3.07 1.14 -10.55
C GLN A 37 4.32 0.34 -10.89
N ARG A 38 5.04 -0.08 -9.87
CA ARG A 38 6.21 -0.92 -10.04
C ARG A 38 5.78 -2.33 -10.40
N GLU A 39 4.62 -2.73 -9.87
CA GLU A 39 4.04 -4.03 -10.18
C GLU A 39 3.59 -4.05 -11.63
N SER A 40 3.17 -2.90 -12.13
CA SER A 40 2.74 -2.74 -13.52
C SER A 40 3.88 -3.09 -14.47
N ARG A 41 5.11 -2.89 -14.03
CA ARG A 41 6.28 -3.19 -14.84
C ARG A 41 6.72 -4.64 -14.61
N GLU A 42 6.34 -5.19 -13.47
CA GLU A 42 6.74 -6.53 -13.09
C GLU A 42 5.52 -7.45 -13.02
N LYS A 43 4.61 -7.26 -13.97
CA LYS A 43 3.40 -8.08 -14.03
C LYS A 43 3.74 -9.50 -14.44
N PRO A 44 2.87 -10.47 -14.07
CA PRO A 44 3.10 -11.92 -14.24
C PRO A 44 3.39 -12.33 -15.67
N TYR A 45 3.22 -11.41 -16.62
CA TYR A 45 3.54 -11.68 -18.02
C TYR A 45 5.00 -12.09 -18.16
N LYS A 46 5.86 -11.50 -17.33
CA LYS A 46 7.29 -11.82 -17.37
C LYS A 46 7.55 -13.20 -16.77
N GLU A 47 6.64 -13.67 -15.93
CA GLU A 47 6.75 -15.01 -15.38
C GLU A 47 6.35 -16.03 -16.44
N VAL A 48 5.44 -15.62 -17.31
CA VAL A 48 5.00 -16.45 -18.42
C VAL A 48 6.15 -16.70 -19.39
N THR A 49 6.92 -15.65 -19.66
CA THR A 49 8.06 -15.76 -20.55
C THR A 49 9.20 -16.55 -19.90
N GLU A 50 9.30 -16.47 -18.58
CA GLU A 50 10.27 -17.27 -17.84
C GLU A 50 9.84 -18.73 -17.84
N ASP A 51 8.54 -18.95 -17.84
CA ASP A 51 7.97 -20.30 -17.82
C ASP A 51 8.33 -21.07 -19.09
N LEU A 52 8.70 -20.36 -20.15
CA LEU A 52 9.13 -20.99 -21.38
C LEU A 52 10.33 -21.92 -21.13
N LEU A 53 11.29 -21.42 -20.37
CA LEU A 53 12.46 -22.22 -20.01
C LEU A 53 12.03 -23.38 -19.11
N HIS A 54 11.19 -23.06 -18.13
CA HIS A 54 10.63 -24.06 -17.23
C HIS A 54 9.92 -25.16 -18.00
N LEU A 55 9.17 -24.77 -19.02
CA LEU A 55 8.44 -25.72 -19.85
C LEU A 55 9.39 -26.62 -20.61
N ASN A 56 10.40 -26.03 -21.23
CA ASN A 56 11.39 -26.80 -21.98
C ASN A 56 12.16 -27.75 -21.05
N SER A 57 12.29 -27.36 -19.79
CA SER A 57 12.92 -28.22 -18.80
C SER A 57 12.07 -29.46 -18.56
N LEU A 58 10.75 -29.25 -18.52
CA LEU A 58 9.82 -30.36 -18.34
C LEU A 58 9.80 -31.23 -19.59
N PHE A 59 9.95 -30.58 -20.74
CA PHE A 59 10.00 -31.28 -22.02
C PHE A 59 11.25 -32.14 -22.11
N GLY A 60 12.32 -31.70 -21.46
CA GLY A 60 13.57 -32.46 -21.46
C GLY A 60 14.64 -31.80 -22.30
N GLY A 61 14.51 -30.50 -22.52
CA GLY A 61 15.49 -29.78 -23.31
C GLY A 61 16.52 -29.08 -22.43
N ASP A 62 17.37 -28.28 -23.07
CA ASP A 62 18.40 -27.54 -22.35
C ASP A 62 17.81 -26.26 -21.77
N GLN A 63 18.25 -25.89 -20.58
CA GLN A 63 17.73 -24.71 -19.91
C GLN A 63 18.64 -23.52 -20.14
N PRO A 1 -16.85 -4.93 34.25
CA PRO A 1 -16.48 -5.82 35.37
C PRO A 1 -16.41 -5.03 36.67
N MET A 2 -16.14 -5.70 37.77
CA MET A 2 -16.07 -5.03 39.06
C MET A 2 -14.62 -4.63 39.37
N ALA A 3 -13.72 -5.60 39.39
CA ALA A 3 -12.35 -5.35 39.77
C ALA A 3 -11.48 -4.98 38.57
N GLN A 4 -11.78 -5.57 37.42
CA GLN A 4 -10.97 -5.37 36.22
C GLN A 4 -11.41 -4.14 35.44
N VAL A 5 -12.16 -3.26 36.07
CA VAL A 5 -12.67 -2.08 35.38
C VAL A 5 -11.88 -0.85 35.81
N HIS A 6 -11.77 0.13 34.90
CA HIS A 6 -11.07 1.39 35.17
C HIS A 6 -9.58 1.14 35.35
N GLN A 7 -9.04 0.20 34.59
CA GLN A 7 -7.63 -0.11 34.62
C GLN A 7 -7.00 0.26 33.29
N GLY A 8 -7.03 1.54 32.96
CA GLY A 8 -6.54 1.99 31.67
C GLY A 8 -7.57 1.77 30.60
N LEU A 9 -8.83 1.76 31.01
CA LEU A 9 -9.93 1.50 30.11
C LEU A 9 -10.15 2.69 29.18
N MET A 10 -10.18 2.41 27.88
CA MET A 10 -10.44 3.43 26.89
C MET A 10 -11.93 3.77 26.87
N PRO A 11 -12.26 5.08 26.92
CA PRO A 11 -13.65 5.55 26.92
C PRO A 11 -14.38 5.16 25.63
N THR A 12 -15.70 5.34 25.63
CA THR A 12 -16.53 4.95 24.49
C THR A 12 -16.43 5.96 23.34
N ALA A 13 -15.26 6.56 23.19
CA ALA A 13 -15.00 7.49 22.10
C ALA A 13 -14.92 6.72 20.79
N PRO A 14 -15.66 7.18 19.76
CA PRO A 14 -15.71 6.53 18.45
C PRO A 14 -14.32 6.37 17.82
N PRO A 15 -14.00 5.15 17.35
CA PRO A 15 -12.71 4.83 16.74
C PRO A 15 -12.55 5.44 15.34
N GLU A 16 -13.55 6.18 14.89
CA GLU A 16 -13.51 6.81 13.57
C GLU A 16 -12.64 8.06 13.59
N ASP A 17 -11.86 8.24 14.65
CA ASP A 17 -10.96 9.38 14.79
C ASP A 17 -10.02 9.47 13.58
N PRO A 18 -9.55 10.70 13.26
CA PRO A 18 -8.82 11.01 12.02
C PRO A 18 -7.65 10.09 11.70
N ALA A 19 -7.22 9.29 12.67
CA ALA A 19 -6.12 8.35 12.47
C ALA A 19 -6.48 7.26 11.47
N VAL A 20 -7.77 6.91 11.40
CA VAL A 20 -8.23 5.84 10.52
C VAL A 20 -7.98 6.17 9.05
N ASP A 21 -8.41 7.36 8.64
CA ASP A 21 -8.27 7.77 7.25
C ASP A 21 -6.84 8.20 6.97
N LEU A 22 -6.15 8.67 7.99
CA LEU A 22 -4.74 9.02 7.87
C LEU A 22 -3.92 7.77 7.59
N LEU A 23 -4.21 6.71 8.34
CA LEU A 23 -3.53 5.43 8.17
C LEU A 23 -3.80 4.89 6.78
N LYS A 24 -5.06 4.92 6.39
CA LYS A 24 -5.48 4.47 5.06
C LYS A 24 -4.81 5.32 3.97
N ASN A 25 -4.66 6.60 4.23
CA ASN A 25 -4.06 7.53 3.29
C ASN A 25 -2.59 7.17 3.02
N TYR A 26 -1.83 6.98 4.08
CA TYR A 26 -0.39 6.81 3.94
C TYR A 26 0.01 5.34 3.79
N MET A 27 -0.36 4.52 4.75
CA MET A 27 0.06 3.13 4.74
C MET A 27 -0.52 2.38 3.56
N GLN A 28 -1.77 2.70 3.23
CA GLN A 28 -2.48 1.95 2.20
C GLN A 28 -2.32 2.58 0.83
N LEU A 29 -2.94 3.73 0.64
CA LEU A 29 -2.91 4.40 -0.67
C LEU A 29 -1.55 5.02 -0.93
N GLY A 30 -0.81 5.28 0.14
CA GLY A 30 0.48 5.90 0.02
C GLY A 30 1.52 4.96 -0.56
N LYS A 31 1.82 3.89 0.16
CA LYS A 31 2.85 2.96 -0.27
C LYS A 31 2.29 1.81 -1.11
N GLN A 32 1.27 1.14 -0.58
CA GLN A 32 0.73 -0.06 -1.23
C GLN A 32 0.19 0.28 -2.61
N GLN A 33 -0.71 1.25 -2.68
CA GLN A 33 -1.28 1.67 -3.95
C GLN A 33 -0.20 2.19 -4.89
N ARG A 34 0.80 2.85 -4.32
CA ARG A 34 1.92 3.39 -5.07
C ARG A 34 2.67 2.28 -5.79
N GLU A 35 2.92 1.20 -5.06
CA GLU A 35 3.69 0.08 -5.57
C GLU A 35 2.99 -0.54 -6.78
N LYS A 36 1.69 -0.77 -6.63
CA LYS A 36 0.90 -1.35 -7.69
C LYS A 36 0.77 -0.39 -8.86
N GLN A 37 0.55 0.88 -8.55
CA GLN A 37 0.38 1.90 -9.59
C GLN A 37 1.61 2.00 -10.47
N ARG A 38 2.78 2.02 -9.85
CA ARG A 38 4.04 2.13 -10.58
C ARG A 38 4.27 0.87 -11.44
N GLU A 39 3.74 -0.25 -10.98
CA GLU A 39 3.87 -1.51 -11.70
C GLU A 39 3.00 -1.48 -12.95
N SER A 40 1.70 -1.28 -12.76
CA SER A 40 0.74 -1.36 -13.85
C SER A 40 0.83 -0.14 -14.78
N ARG A 41 1.54 0.89 -14.37
CA ARG A 41 1.71 2.08 -15.20
C ARG A 41 2.94 1.96 -16.09
N GLU A 42 3.94 1.21 -15.62
CA GLU A 42 5.19 1.03 -16.35
C GLU A 42 4.98 0.15 -17.56
N LYS A 43 4.34 -0.96 -17.30
CA LYS A 43 3.97 -1.91 -18.34
C LYS A 43 2.56 -2.44 -18.07
N PRO A 44 1.55 -1.72 -18.57
CA PRO A 44 0.14 -2.07 -18.34
C PRO A 44 -0.22 -3.43 -18.94
N TYR A 45 0.24 -3.67 -20.15
CA TYR A 45 -0.08 -4.89 -20.86
C TYR A 45 1.15 -5.79 -20.96
N LYS A 46 1.96 -5.76 -19.90
CA LYS A 46 3.20 -6.55 -19.82
C LYS A 46 2.97 -8.02 -20.22
N GLU A 47 1.80 -8.55 -19.91
CA GLU A 47 1.48 -9.93 -20.25
C GLU A 47 1.47 -10.11 -21.76
N VAL A 48 0.84 -9.16 -22.45
CA VAL A 48 0.67 -9.23 -23.90
C VAL A 48 2.02 -9.08 -24.62
N THR A 49 2.77 -8.07 -24.24
CA THR A 49 4.04 -7.76 -24.92
C THR A 49 4.99 -8.94 -24.92
N GLU A 50 5.17 -9.56 -23.76
CA GLU A 50 6.09 -10.68 -23.64
C GLU A 50 5.48 -11.96 -24.20
N ASP A 51 4.16 -12.06 -24.13
CA ASP A 51 3.44 -13.20 -24.69
C ASP A 51 3.62 -13.24 -26.20
N LEU A 52 3.50 -12.08 -26.84
CA LEU A 52 3.68 -11.97 -28.28
C LEU A 52 5.07 -12.42 -28.71
N LEU A 53 6.08 -12.02 -27.94
CA LEU A 53 7.46 -12.40 -28.21
C LEU A 53 7.61 -13.92 -28.14
N HIS A 54 7.09 -14.52 -27.08
CA HIS A 54 7.16 -15.97 -26.90
C HIS A 54 6.38 -16.68 -28.00
N LEU A 55 5.21 -16.15 -28.33
CA LEU A 55 4.37 -16.72 -29.39
C LEU A 55 5.08 -16.64 -30.74
N ASN A 56 5.64 -15.47 -31.03
CA ASN A 56 6.34 -15.25 -32.31
C ASN A 56 7.54 -16.17 -32.44
N SER A 57 8.37 -16.21 -31.40
CA SER A 57 9.60 -16.99 -31.43
C SER A 57 9.31 -18.49 -31.34
N LEU A 58 8.10 -18.85 -30.91
CA LEU A 58 7.70 -20.24 -30.79
C LEU A 58 7.85 -20.97 -32.12
N PHE A 59 7.28 -20.40 -33.18
CA PHE A 59 7.32 -21.02 -34.49
C PHE A 59 8.03 -20.13 -35.51
N GLY A 60 8.63 -19.04 -35.04
CA GLY A 60 9.35 -18.15 -35.93
C GLY A 60 8.43 -17.37 -36.83
N GLY A 61 7.37 -16.81 -36.25
CA GLY A 61 6.34 -16.11 -37.01
C GLY A 61 6.90 -15.06 -37.95
N ASP A 62 6.81 -15.35 -39.25
CA ASP A 62 7.26 -14.44 -40.30
C ASP A 62 6.78 -14.94 -41.66
N GLN A 63 5.53 -14.64 -41.96
CA GLN A 63 4.91 -15.08 -43.21
C GLN A 63 4.33 -13.90 -43.97
#